data_3TJR
#
_entry.id   3TJR
#
_cell.length_a   74.110
_cell.length_b   130.370
_cell.length_c   55.420
_cell.angle_alpha   90.000
_cell.angle_beta   90.000
_cell.angle_gamma   90.000
#
_symmetry.space_group_name_H-M   'P 21 21 2'
#
loop_
_entity.id
_entity.type
_entity.pdbx_description
1 polymer 'short chain dehydrogenase'
2 non-polymer 'UNKNOWN LIGAND'
3 water water
#
_entity_poly.entity_id   1
_entity_poly.type   'polypeptide(L)'
_entity_poly.pdbx_seq_one_letter_code
;MAHHHHHHMGTLEAQTQGPGSMDGFLSGFDGRAAVVTGGASGIGLATATEFARRGARLVLSDVDQPALEQAVNGLRGQGF
DAHGVVCDVRHLDEMVRLADEAFRLLGGVDVVFSNAGIVVAGPLAQMNHDDWRWVIDIDLWGSIHAVEAFLPRLLEQGTG
GHIAFTASFAGLVPNAGLGTYGVAKYGVVGLAETLAREVKPNGIGVSVLCPMVVETKLVSNSERIRGADYGMSATPEGAF
GPLPTQDESVSADDVARLTADAILANRLYILPHAAARESIRRRFERIDRTFDEQAAEGWTH
;
_entity_poly.pdbx_strand_id   A,B
#
loop_
_chem_comp.id
_chem_comp.type
_chem_comp.name
_chem_comp.formula
UNL non-polymer 'UNKNOWN LIGAND' ?
#
# COMPACT_ATOMS: atom_id res chain seq x y z
N GLY A 24 27.80 -2.75 5.16
CA GLY A 24 28.20 -1.48 4.48
C GLY A 24 27.32 -1.06 3.33
N PHE A 25 26.90 0.21 3.34
CA PHE A 25 26.15 0.81 2.23
C PHE A 25 27.00 0.83 0.96
N LEU A 26 26.34 0.71 -0.19
CA LEU A 26 27.05 0.59 -1.45
C LEU A 26 27.97 1.78 -1.74
N SER A 27 29.24 1.49 -1.98
CA SER A 27 30.28 2.49 -2.12
C SER A 27 30.59 2.85 -3.59
N GLY A 28 30.11 2.04 -4.51
CA GLY A 28 30.45 2.16 -5.94
C GLY A 28 29.97 0.89 -6.59
N PHE A 29 29.81 0.88 -7.91
CA PHE A 29 29.31 -0.35 -8.56
C PHE A 29 30.40 -1.26 -9.09
N ASP A 30 31.64 -0.79 -9.09
CA ASP A 30 32.69 -1.52 -9.78
C ASP A 30 32.95 -2.84 -9.08
N GLY A 31 32.77 -3.94 -9.81
CA GLY A 31 32.97 -5.28 -9.26
C GLY A 31 31.84 -5.82 -8.40
N ARG A 32 30.79 -5.02 -8.21
CA ARG A 32 29.62 -5.44 -7.44
C ARG A 32 28.68 -6.31 -8.26
N ALA A 33 27.80 -7.03 -7.57
CA ALA A 33 26.84 -7.95 -8.21
C ALA A 33 25.43 -7.34 -8.08
N ALA A 34 24.72 -7.23 -9.21
CA ALA A 34 23.35 -6.66 -9.20
C ALA A 34 22.38 -7.60 -9.88
N VAL A 35 21.16 -7.65 -9.37
CA VAL A 35 20.06 -8.41 -9.96
C VAL A 35 18.94 -7.42 -10.26
N VAL A 36 18.39 -7.49 -11.47
CA VAL A 36 17.30 -6.58 -11.89
C VAL A 36 16.13 -7.42 -12.40
N THR A 37 14.96 -7.27 -11.79
CA THR A 37 13.74 -7.95 -12.33
C THR A 37 13.07 -7.03 -13.34
N GLY A 38 12.35 -7.63 -14.28
CA GLY A 38 11.86 -6.84 -15.42
C GLY A 38 12.97 -6.21 -16.23
N GLY A 39 14.10 -6.94 -16.28
CA GLY A 39 15.31 -6.38 -16.90
C GLY A 39 15.38 -6.44 -18.42
N ALA A 40 14.40 -7.04 -19.09
CA ALA A 40 14.49 -7.21 -20.55
C ALA A 40 14.12 -5.95 -21.34
N SER A 41 13.58 -4.94 -20.68
CA SER A 41 13.01 -3.79 -21.40
C SER A 41 13.05 -2.57 -20.53
N GLY A 42 12.86 -1.39 -21.14
CA GLY A 42 12.49 -0.19 -20.37
C GLY A 42 13.45 0.25 -19.30
N ILE A 43 12.89 0.67 -18.17
CA ILE A 43 13.73 1.18 -17.08
C ILE A 43 14.63 0.10 -16.51
N GLY A 44 14.14 -1.13 -16.45
CA GLY A 44 14.95 -2.23 -15.92
C GLY A 44 16.16 -2.49 -16.79
N LEU A 45 15.96 -2.57 -18.10
CA LEU A 45 17.11 -2.80 -18.96
C LEU A 45 18.06 -1.59 -18.92
N ALA A 46 17.51 -0.37 -18.94
CA ALA A 46 18.37 0.79 -18.91
C ALA A 46 19.21 0.83 -17.64
N THR A 47 18.59 0.47 -16.51
CA THR A 47 19.28 0.55 -15.23
C THR A 47 20.34 -0.54 -15.10
N ALA A 48 20.00 -1.75 -15.56
CA ALA A 48 20.99 -2.83 -15.63
C ALA A 48 22.19 -2.40 -16.45
N THR A 49 21.92 -1.78 -17.60
CA THR A 49 22.99 -1.30 -18.48
C THR A 49 23.87 -0.23 -17.79
N GLU A 50 23.23 0.69 -17.07
CA GLU A 50 23.96 1.68 -16.32
C GLU A 50 24.82 1.10 -15.21
N PHE A 51 24.29 0.13 -14.47
CA PHE A 51 25.07 -0.55 -13.46
C PHE A 51 26.30 -1.20 -14.10
N ALA A 52 26.08 -1.87 -15.23
CA ALA A 52 27.17 -2.56 -15.93
C ALA A 52 28.22 -1.58 -16.45
N ARG A 53 27.77 -0.42 -16.96
CA ARG A 53 28.74 0.61 -17.44
C ARG A 53 29.65 1.07 -16.33
N ARG A 54 29.13 1.02 -15.11
CA ARG A 54 29.83 1.43 -13.91
C ARG A 54 30.63 0.29 -13.28
N GLY A 55 30.62 -0.88 -13.95
CA GLY A 55 31.44 -2.03 -13.58
C GLY A 55 30.77 -3.18 -12.83
N ALA A 56 29.45 -3.13 -12.69
CA ALA A 56 28.77 -4.23 -11.99
C ALA A 56 28.61 -5.43 -12.92
N ARG A 57 28.53 -6.60 -12.28
CA ARG A 57 28.18 -7.85 -12.92
C ARG A 57 26.70 -8.09 -12.70
N LEU A 58 26.01 -8.58 -13.72
CA LEU A 58 24.54 -8.51 -13.75
C LEU A 58 23.85 -9.84 -13.91
N VAL A 59 22.77 -9.99 -13.16
CA VAL A 59 21.74 -10.98 -13.51
C VAL A 59 20.48 -10.20 -13.87
N LEU A 60 20.03 -10.38 -15.12
CA LEU A 60 18.75 -9.80 -15.58
CA LEU A 60 18.77 -9.81 -15.62
C LEU A 60 17.70 -10.87 -15.49
N SER A 61 16.52 -10.49 -15.06
CA SER A 61 15.44 -11.45 -14.97
C SER A 61 14.18 -10.88 -15.63
N ASP A 62 13.38 -11.75 -16.24
CA ASP A 62 12.13 -11.31 -16.89
C ASP A 62 11.28 -12.54 -17.17
N VAL A 63 10.03 -12.31 -17.57
CA VAL A 63 9.17 -13.38 -18.11
C VAL A 63 9.20 -13.51 -19.61
N ASP A 64 9.53 -12.44 -20.32
CA ASP A 64 9.57 -12.48 -21.78
C ASP A 64 10.92 -13.09 -22.15
N GLN A 65 10.91 -14.37 -22.46
CA GLN A 65 12.18 -15.12 -22.55
C GLN A 65 13.01 -14.73 -23.77
N PRO A 66 12.38 -14.58 -24.94
CA PRO A 66 13.23 -14.12 -26.05
C PRO A 66 13.78 -12.71 -25.81
N ALA A 67 12.99 -11.80 -25.25
CA ALA A 67 13.48 -10.46 -24.93
C ALA A 67 14.60 -10.50 -23.95
N LEU A 68 14.51 -11.38 -22.96
CA LEU A 68 15.57 -11.50 -21.95
C LEU A 68 16.87 -11.93 -22.62
N GLU A 69 16.80 -12.94 -23.49
CA GLU A 69 17.99 -13.41 -24.15
C GLU A 69 18.60 -12.33 -25.00
N GLN A 70 17.76 -11.57 -25.72
CA GLN A 70 18.25 -10.46 -26.55
C GLN A 70 18.92 -9.40 -25.69
N ALA A 71 18.34 -9.11 -24.52
CA ALA A 71 18.85 -8.04 -23.68
C ALA A 71 20.23 -8.43 -23.12
N VAL A 72 20.37 -9.71 -22.74
CA VAL A 72 21.65 -10.21 -22.22
C VAL A 72 22.68 -10.16 -23.34
N ASN A 73 22.28 -10.54 -24.55
CA ASN A 73 23.19 -10.49 -25.69
C ASN A 73 23.72 -9.07 -25.90
N GLY A 74 22.82 -8.10 -25.75
CA GLY A 74 23.18 -6.68 -25.93
C GLY A 74 24.21 -6.25 -24.91
N LEU A 75 24.02 -6.66 -23.67
CA LEU A 75 25.01 -6.33 -22.66
C LEU A 75 26.34 -7.02 -22.89
N ARG A 76 26.31 -8.30 -23.24
CA ARG A 76 27.55 -9.06 -23.48
CA ARG A 76 27.56 -9.03 -23.43
C ARG A 76 28.33 -8.52 -24.66
N GLY A 77 27.61 -8.02 -25.66
CA GLY A 77 28.22 -7.45 -26.86
C GLY A 77 29.01 -6.20 -26.52
N GLN A 78 28.60 -5.50 -25.47
CA GLN A 78 29.26 -4.29 -24.94
C GLN A 78 30.41 -4.68 -23.97
N GLY A 79 30.67 -5.98 -23.83
CA GLY A 79 31.72 -6.52 -22.94
C GLY A 79 31.36 -6.61 -21.48
N PHE A 80 30.07 -6.47 -21.18
CA PHE A 80 29.60 -6.58 -19.80
C PHE A 80 29.33 -8.00 -19.37
N ASP A 81 29.52 -8.28 -18.09
CA ASP A 81 29.28 -9.61 -17.57
C ASP A 81 27.82 -9.70 -17.15
N ALA A 82 27.01 -10.32 -18.00
CA ALA A 82 25.57 -10.40 -17.74
C ALA A 82 25.05 -11.83 -17.97
N HIS A 83 24.02 -12.20 -17.21
CA HIS A 83 23.35 -13.50 -17.31
C HIS A 83 21.88 -13.29 -17.24
N GLY A 84 21.12 -14.16 -17.89
CA GLY A 84 19.66 -14.07 -17.81
C GLY A 84 19.09 -15.22 -17.00
N VAL A 85 18.14 -14.92 -16.12
CA VAL A 85 17.41 -15.96 -15.38
C VAL A 85 15.93 -15.67 -15.50
N VAL A 86 15.15 -16.61 -16.05
CA VAL A 86 13.71 -16.40 -16.19
C VAL A 86 13.03 -16.42 -14.83
N CYS A 87 12.13 -15.47 -14.57
CA CYS A 87 11.37 -15.47 -13.32
C CYS A 87 10.08 -14.69 -13.48
N ASP A 88 8.97 -15.35 -13.20
CA ASP A 88 7.68 -14.68 -13.09
C ASP A 88 7.55 -14.23 -11.65
N VAL A 89 7.63 -12.93 -11.42
CA VAL A 89 7.68 -12.35 -10.04
C VAL A 89 6.41 -12.56 -9.21
N ARG A 90 5.32 -13.04 -9.86
CA ARG A 90 4.09 -13.39 -9.18
C ARG A 90 4.26 -14.64 -8.31
N HIS A 91 5.30 -15.41 -8.57
CA HIS A 91 5.48 -16.72 -7.91
C HIS A 91 6.65 -16.72 -6.97
N LEU A 92 6.41 -16.82 -5.66
CA LEU A 92 7.51 -16.78 -4.71
C LEU A 92 8.55 -17.85 -5.02
N ASP A 93 8.13 -19.06 -5.38
CA ASP A 93 9.13 -20.11 -5.69
C ASP A 93 10.07 -19.71 -6.83
N GLU A 94 9.54 -19.01 -7.83
CA GLU A 94 10.38 -18.53 -8.92
C GLU A 94 11.36 -17.45 -8.46
N MET A 95 10.93 -16.58 -7.54
CA MET A 95 11.81 -15.54 -7.04
C MET A 95 12.91 -16.16 -6.16
N VAL A 96 12.54 -17.19 -5.39
CA VAL A 96 13.53 -17.93 -4.62
C VAL A 96 14.57 -18.60 -5.54
N ARG A 97 14.09 -19.26 -6.59
CA ARG A 97 14.99 -19.81 -7.62
C ARG A 97 15.91 -18.74 -8.21
N LEU A 98 15.36 -17.54 -8.48
CA LEU A 98 16.16 -16.45 -9.00
C LEU A 98 17.27 -16.05 -8.02
N ALA A 99 16.91 -15.91 -6.75
CA ALA A 99 17.89 -15.51 -5.76
C ALA A 99 18.99 -16.58 -5.67
N ASP A 100 18.60 -17.86 -5.62
CA ASP A 100 19.59 -18.94 -5.53
C ASP A 100 20.52 -18.91 -6.74
N GLU A 101 19.93 -18.71 -7.92
CA GLU A 101 20.73 -18.79 -9.13
C GLU A 101 21.62 -17.54 -9.26
N ALA A 102 21.13 -16.39 -8.82
CA ALA A 102 21.94 -15.18 -8.84
C ALA A 102 23.14 -15.31 -7.90
N PHE A 103 22.92 -15.82 -6.68
CA PHE A 103 24.04 -16.06 -5.78
C PHE A 103 25.03 -17.05 -6.36
N ARG A 104 24.54 -18.07 -7.06
CA ARG A 104 25.45 -19.03 -7.68
C ARG A 104 26.22 -18.41 -8.83
N LEU A 105 25.54 -17.64 -9.66
CA LEU A 105 26.18 -17.11 -10.85
C LEU A 105 27.18 -16.01 -10.53
N LEU A 106 26.86 -15.17 -9.54
CA LEU A 106 27.65 -13.98 -9.22
C LEU A 106 28.52 -14.14 -7.99
N GLY A 107 28.30 -15.20 -7.23
CA GLY A 107 29.05 -15.40 -5.98
C GLY A 107 28.39 -14.75 -4.79
N GLY A 108 27.50 -13.81 -5.07
CA GLY A 108 26.90 -13.00 -4.02
C GLY A 108 26.02 -12.01 -4.70
N VAL A 109 25.29 -11.23 -3.92
CA VAL A 109 24.44 -10.17 -4.52
C VAL A 109 24.60 -8.96 -3.65
N ASP A 110 24.88 -7.81 -4.28
CA ASP A 110 25.03 -6.57 -3.54
C ASP A 110 23.87 -5.63 -3.77
N VAL A 111 23.28 -5.64 -4.96
CA VAL A 111 22.18 -4.72 -5.28
C VAL A 111 21.03 -5.52 -5.88
N VAL A 112 19.82 -5.33 -5.34
CA VAL A 112 18.63 -5.95 -5.94
C VAL A 112 17.72 -4.83 -6.41
N PHE A 113 17.31 -4.85 -7.69
CA PHE A 113 16.42 -3.82 -8.21
C PHE A 113 15.15 -4.55 -8.57
N SER A 114 14.13 -4.39 -7.74
CA SER A 114 12.81 -5.02 -7.95
C SER A 114 11.99 -4.06 -8.78
N ASN A 115 11.96 -4.33 -10.09
CA ASN A 115 11.47 -3.35 -11.04
C ASN A 115 10.30 -3.84 -11.92
N ALA A 116 10.10 -5.16 -12.02
CA ALA A 116 9.07 -5.68 -12.95
C ALA A 116 7.71 -5.10 -12.63
N GLY A 117 6.94 -4.78 -13.65
CA GLY A 117 5.59 -4.28 -13.40
C GLY A 117 4.77 -4.20 -14.63
N ILE A 118 3.47 -4.09 -14.41
CA ILE A 118 2.50 -3.85 -15.48
C ILE A 118 1.56 -2.71 -15.08
N VAL A 119 0.85 -2.18 -16.07
CA VAL A 119 -0.15 -1.15 -15.81
C VAL A 119 -1.50 -1.63 -16.31
N VAL A 120 -2.55 -1.23 -15.61
CA VAL A 120 -3.92 -1.31 -16.09
C VAL A 120 -4.45 0.08 -15.81
N ALA A 121 -5.33 0.56 -16.67
CA ALA A 121 -5.93 1.86 -16.45
C ALA A 121 -7.43 1.76 -16.54
N GLY A 122 -8.11 2.72 -15.88
CA GLY A 122 -9.56 2.85 -15.96
C GLY A 122 -10.13 3.17 -14.59
N PRO A 123 -11.39 3.63 -14.53
CA PRO A 123 -12.01 3.92 -13.23
C PRO A 123 -12.07 2.67 -12.36
N LEU A 124 -11.99 2.85 -11.04
CA LEU A 124 -12.10 1.69 -10.14
C LEU A 124 -13.36 0.87 -10.42
N ALA A 125 -14.48 1.55 -10.69
CA ALA A 125 -15.74 0.87 -10.90
C ALA A 125 -15.72 -0.03 -12.13
N GLN A 126 -14.80 0.24 -13.07
CA GLN A 126 -14.69 -0.53 -14.31
C GLN A 126 -13.77 -1.75 -14.18
N MET A 127 -13.08 -1.88 -13.05
CA MET A 127 -12.12 -2.98 -12.88
C MET A 127 -12.82 -4.28 -12.54
N ASN A 128 -12.48 -5.34 -13.26
CA ASN A 128 -12.97 -6.65 -12.87
C ASN A 128 -11.95 -7.32 -11.95
N HIS A 129 -12.27 -8.52 -11.46
CA HIS A 129 -11.41 -9.14 -10.46
C HIS A 129 -10.08 -9.53 -11.03
N ASP A 130 -10.06 -9.91 -12.31
CA ASP A 130 -8.82 -10.24 -12.97
C ASP A 130 -7.90 -9.04 -13.09
N ASP A 131 -8.46 -7.86 -13.34
CA ASP A 131 -7.64 -6.65 -13.38
C ASP A 131 -6.93 -6.47 -12.03
N TRP A 132 -7.72 -6.58 -10.96
CA TRP A 132 -7.13 -6.45 -9.63
C TRP A 132 -6.06 -7.49 -9.38
N ARG A 133 -6.35 -8.75 -9.68
CA ARG A 133 -5.38 -9.82 -9.40
CA ARG A 133 -5.39 -9.82 -9.40
C ARG A 133 -4.07 -9.65 -10.18
N TRP A 134 -4.16 -9.34 -11.47
CA TRP A 134 -2.94 -9.17 -12.27
C TRP A 134 -2.06 -8.07 -11.72
N VAL A 135 -2.69 -6.95 -11.39
CA VAL A 135 -1.92 -5.79 -10.96
C VAL A 135 -1.33 -6.03 -9.57
N ILE A 136 -2.17 -6.53 -8.65
CA ILE A 136 -1.67 -6.79 -7.28
C ILE A 136 -0.59 -7.89 -7.32
N ASP A 137 -0.80 -8.93 -8.12
CA ASP A 137 0.16 -10.05 -8.11
C ASP A 137 1.51 -9.63 -8.70
N ILE A 138 1.52 -8.87 -9.77
CA ILE A 138 2.83 -8.48 -10.33
C ILE A 138 3.40 -7.29 -9.59
N ASP A 139 2.61 -6.24 -9.45
CA ASP A 139 3.18 -4.97 -8.96
C ASP A 139 3.40 -4.93 -7.46
N LEU A 140 2.57 -5.61 -6.68
CA LEU A 140 2.75 -5.56 -5.22
C LEU A 140 3.43 -6.87 -4.79
N TRP A 141 2.88 -8.03 -5.14
CA TRP A 141 3.49 -9.28 -4.71
C TRP A 141 4.88 -9.49 -5.28
N GLY A 142 5.15 -8.98 -6.50
CA GLY A 142 6.54 -9.09 -7.01
C GLY A 142 7.56 -8.47 -6.06
N SER A 143 7.25 -7.28 -5.53
CA SER A 143 8.06 -6.55 -4.59
CA SER A 143 8.18 -6.64 -4.63
C SER A 143 8.21 -7.26 -3.26
N ILE A 144 7.07 -7.68 -2.72
CA ILE A 144 7.10 -8.47 -1.48
C ILE A 144 7.94 -9.72 -1.67
N HIS A 145 7.76 -10.43 -2.79
CA HIS A 145 8.52 -11.64 -3.02
C HIS A 145 9.99 -11.35 -3.13
N ALA A 146 10.34 -10.21 -3.72
CA ALA A 146 11.78 -9.87 -3.82
C ALA A 146 12.39 -9.72 -2.43
N VAL A 147 11.66 -9.07 -1.52
CA VAL A 147 12.15 -9.01 -0.13
C VAL A 147 12.22 -10.38 0.52
N GLU A 148 11.16 -11.19 0.36
CA GLU A 148 11.13 -12.52 0.97
C GLU A 148 12.30 -13.37 0.52
N ALA A 149 12.64 -13.27 -0.76
CA ALA A 149 13.69 -14.13 -1.32
C ALA A 149 15.07 -13.59 -1.07
N PHE A 150 15.25 -12.27 -1.20
CA PHE A 150 16.61 -11.70 -1.14
C PHE A 150 17.03 -11.21 0.22
N LEU A 151 16.08 -10.71 1.01
CA LEU A 151 16.50 -10.11 2.29
C LEU A 151 17.22 -11.11 3.23
N PRO A 152 16.70 -12.33 3.39
CA PRO A 152 17.43 -13.26 4.28
C PRO A 152 18.83 -13.57 3.74
N ARG A 153 18.96 -13.63 2.42
CA ARG A 153 20.26 -13.98 1.82
C ARG A 153 21.24 -12.83 1.99
N LEU A 154 20.76 -11.59 1.88
CA LEU A 154 21.60 -10.43 2.11
C LEU A 154 22.03 -10.33 3.58
N LEU A 155 21.12 -10.62 4.48
CA LEU A 155 21.47 -10.57 5.91
C LEU A 155 22.51 -11.62 6.26
N GLU A 156 22.35 -12.83 5.70
CA GLU A 156 23.26 -13.97 5.93
C GLU A 156 24.65 -13.64 5.34
N GLN A 157 24.65 -13.03 4.15
CA GLN A 157 25.91 -12.66 3.49
C GLN A 157 26.71 -11.66 4.33
N GLY A 158 25.99 -10.76 5.00
CA GLY A 158 26.57 -9.91 6.04
C GLY A 158 27.50 -8.78 5.61
N THR A 159 27.40 -8.36 4.35
CA THR A 159 28.23 -7.28 3.83
C THR A 159 27.43 -6.07 3.34
N GLY A 160 26.21 -5.94 3.85
CA GLY A 160 25.33 -4.85 3.43
C GLY A 160 24.87 -5.00 2.01
N GLY A 161 24.51 -3.89 1.40
CA GLY A 161 24.01 -3.91 0.03
C GLY A 161 22.94 -2.85 -0.18
N HIS A 162 22.14 -3.03 -1.22
CA HIS A 162 21.05 -2.09 -1.49
C HIS A 162 19.89 -2.78 -2.13
N ILE A 163 18.68 -2.37 -1.73
CA ILE A 163 17.45 -2.89 -2.35
C ILE A 163 16.67 -1.70 -2.88
N ALA A 164 16.45 -1.68 -4.19
CA ALA A 164 15.65 -0.62 -4.82
C ALA A 164 14.39 -1.20 -5.43
N PHE A 165 13.32 -0.40 -5.40
CA PHE A 165 12.01 -0.83 -5.95
C PHE A 165 11.57 0.19 -6.98
N THR A 166 10.93 -0.27 -8.05
CA THR A 166 10.22 0.67 -8.91
C THR A 166 8.78 0.76 -8.50
N ALA A 167 8.40 1.86 -7.88
CA ALA A 167 6.99 2.12 -7.59
C ALA A 167 6.45 2.97 -8.73
N SER A 168 5.99 4.20 -8.45
CA SER A 168 5.45 5.10 -9.46
C SER A 168 5.14 6.40 -8.74
N PHE A 169 4.98 7.48 -9.48
CA PHE A 169 4.36 8.68 -8.94
C PHE A 169 3.00 8.30 -8.36
N ALA A 170 2.34 7.30 -8.96
CA ALA A 170 1.03 6.83 -8.46
C ALA A 170 1.14 6.08 -7.13
N GLY A 171 2.36 5.85 -6.66
CA GLY A 171 2.58 5.33 -5.31
C GLY A 171 2.64 6.43 -4.27
N LEU A 172 2.60 7.68 -4.72
CA LEU A 172 2.73 8.82 -3.81
C LEU A 172 1.50 9.73 -3.76
N VAL A 173 0.73 9.76 -4.84
CA VAL A 173 -0.48 10.59 -4.89
C VAL A 173 -1.57 9.85 -5.67
N PRO A 174 -2.86 10.19 -5.40
CA PRO A 174 -3.94 9.62 -6.18
C PRO A 174 -3.96 10.12 -7.62
N ASN A 175 -4.38 9.22 -8.52
CA ASN A 175 -4.59 9.61 -9.90
C ASN A 175 -5.86 8.94 -10.40
N ALA A 176 -6.87 9.73 -10.72
CA ALA A 176 -8.10 9.16 -11.27
C ALA A 176 -7.70 8.38 -12.55
N GLY A 177 -8.27 7.18 -12.70
CA GLY A 177 -7.93 6.35 -13.84
C GLY A 177 -6.78 5.40 -13.63
N LEU A 178 -6.08 5.55 -12.50
CA LEU A 178 -4.94 4.69 -12.18
C LEU A 178 -5.10 4.19 -10.75
N GLY A 179 -6.35 3.95 -10.35
CA GLY A 179 -6.64 3.50 -8.98
C GLY A 179 -6.04 2.15 -8.61
N THR A 180 -6.31 1.13 -9.43
CA THR A 180 -5.80 -0.22 -9.12
C THR A 180 -4.27 -0.25 -9.15
N TYR A 181 -3.68 0.34 -10.18
CA TYR A 181 -2.22 0.50 -10.24
C TYR A 181 -1.70 1.23 -8.99
N GLY A 182 -2.38 2.30 -8.61
CA GLY A 182 -2.00 3.08 -7.46
C GLY A 182 -2.06 2.31 -6.15
N VAL A 183 -3.06 1.44 -6.00
CA VAL A 183 -3.12 0.63 -4.74
C VAL A 183 -1.85 -0.20 -4.61
N ALA A 184 -1.45 -0.87 -5.69
CA ALA A 184 -0.25 -1.68 -5.67
C ALA A 184 0.99 -0.85 -5.42
N LYS A 185 1.07 0.31 -6.08
CA LYS A 185 2.26 1.15 -6.00
C LYS A 185 2.38 1.84 -4.64
N TYR A 186 1.26 2.22 -4.04
CA TYR A 186 1.27 2.63 -2.63
C TYR A 186 1.85 1.56 -1.73
N GLY A 187 1.47 0.30 -1.95
CA GLY A 187 2.02 -0.77 -1.10
C GLY A 187 3.53 -0.88 -1.26
N VAL A 188 4.01 -0.69 -2.48
CA VAL A 188 5.48 -0.75 -2.75
C VAL A 188 6.20 0.39 -2.01
N VAL A 189 5.64 1.60 -2.09
CA VAL A 189 6.28 2.72 -1.39
C VAL A 189 6.31 2.44 0.12
N GLY A 190 5.21 1.94 0.66
CA GLY A 190 5.17 1.64 2.13
C GLY A 190 6.20 0.59 2.52
N LEU A 191 6.31 -0.44 1.69
CA LEU A 191 7.33 -1.47 1.90
C LEU A 191 8.72 -0.87 1.94
N ALA A 192 9.04 -0.04 0.94
CA ALA A 192 10.38 0.55 0.87
C ALA A 192 10.67 1.44 2.09
N GLU A 193 9.67 2.22 2.50
CA GLU A 193 9.93 3.19 3.54
C GLU A 193 10.17 2.50 4.87
N THR A 194 9.42 1.42 5.14
CA THR A 194 9.62 0.71 6.42
C THR A 194 10.88 -0.14 6.37
N LEU A 195 11.09 -0.80 5.24
CA LEU A 195 12.29 -1.60 5.10
C LEU A 195 13.56 -0.77 5.29
N ALA A 196 13.56 0.44 4.76
CA ALA A 196 14.74 1.31 4.92
C ALA A 196 15.12 1.47 6.38
N ARG A 197 14.12 1.67 7.24
CA ARG A 197 14.38 1.86 8.67
C ARG A 197 14.88 0.58 9.32
N GLU A 198 14.32 -0.56 8.92
CA GLU A 198 14.65 -1.81 9.61
C GLU A 198 16.01 -2.35 9.28
N VAL A 199 16.47 -2.15 8.05
CA VAL A 199 17.74 -2.77 7.66
C VAL A 199 18.90 -1.78 7.57
N LYS A 200 18.65 -0.51 7.88
CA LYS A 200 19.77 0.45 8.00
CA LYS A 200 19.76 0.45 8.01
C LYS A 200 20.89 -0.06 8.93
N PRO A 201 20.55 -0.64 10.11
CA PRO A 201 21.65 -1.12 10.96
C PRO A 201 22.48 -2.23 10.37
N ASN A 202 21.93 -2.91 9.34
CA ASN A 202 22.64 -3.97 8.64
C ASN A 202 23.45 -3.49 7.46
N GLY A 203 23.48 -2.17 7.26
CA GLY A 203 24.21 -1.60 6.12
C GLY A 203 23.54 -1.88 4.80
N ILE A 204 22.23 -2.12 4.82
CA ILE A 204 21.53 -2.31 3.55
C ILE A 204 20.72 -1.04 3.30
N GLY A 205 21.07 -0.32 2.23
CA GLY A 205 20.31 0.87 1.83
C GLY A 205 19.05 0.49 1.06
N VAL A 206 18.08 1.40 1.03
CA VAL A 206 16.82 1.14 0.31
C VAL A 206 16.42 2.38 -0.48
N SER A 207 15.97 2.19 -1.72
CA SER A 207 15.43 3.32 -2.51
C SER A 207 14.14 2.91 -3.19
N VAL A 208 13.29 3.89 -3.43
CA VAL A 208 12.05 3.64 -4.18
C VAL A 208 11.93 4.69 -5.30
N LEU A 209 11.86 4.18 -6.52
CA LEU A 209 11.79 5.01 -7.74
C LEU A 209 10.34 5.30 -8.12
N CYS A 210 10.01 6.57 -8.29
CA CYS A 210 8.60 7.01 -8.44
C CYS A 210 8.46 7.98 -9.64
N PRO A 211 8.55 7.44 -10.86
CA PRO A 211 8.45 8.34 -12.01
C PRO A 211 6.99 8.58 -12.41
N MET A 212 6.79 9.72 -13.07
CA MET A 212 5.61 9.95 -13.90
C MET A 212 5.89 9.23 -15.23
N VAL A 213 5.30 9.66 -16.33
CA VAL A 213 5.37 8.86 -17.55
C VAL A 213 6.78 8.82 -18.22
N VAL A 214 7.25 7.61 -18.54
CA VAL A 214 8.53 7.36 -19.25
C VAL A 214 8.22 6.48 -20.48
N GLU A 215 8.72 6.84 -21.66
CA GLU A 215 8.44 6.04 -22.87
C GLU A 215 9.18 4.70 -22.81
N THR A 216 8.40 3.64 -22.63
CA THR A 216 8.89 2.27 -22.57
C THR A 216 7.88 1.41 -23.34
N LYS A 217 7.91 0.10 -23.13
CA LYS A 217 6.92 -0.81 -23.75
C LYS A 217 5.83 -1.22 -22.72
N LEU A 218 5.72 -0.46 -21.64
CA LEU A 218 4.81 -0.81 -20.52
C LEU A 218 3.39 -1.15 -20.96
N VAL A 219 2.78 -0.28 -21.77
CA VAL A 219 1.38 -0.50 -22.13
C VAL A 219 1.19 -1.75 -23.00
N SER A 220 2.01 -1.87 -24.07
CA SER A 220 1.90 -3.04 -24.95
C SER A 220 2.25 -4.33 -24.21
N ASN A 221 3.29 -4.28 -23.38
CA ASN A 221 3.68 -5.46 -22.58
C ASN A 221 2.62 -5.87 -21.57
N SER A 222 1.98 -4.90 -20.94
CA SER A 222 0.92 -5.13 -19.97
C SER A 222 -0.28 -5.85 -20.62
N GLU A 223 -0.71 -5.35 -21.78
CA GLU A 223 -1.84 -5.98 -22.48
C GLU A 223 -1.49 -7.42 -22.92
N ARG A 224 -0.25 -7.61 -23.37
CA ARG A 224 0.23 -8.91 -23.87
C ARG A 224 0.39 -9.94 -22.75
N ILE A 225 0.92 -9.48 -21.61
CA ILE A 225 1.15 -10.35 -20.45
C ILE A 225 -0.18 -10.95 -19.99
N ARG A 226 -1.22 -10.14 -20.06
CA ARG A 226 -2.56 -10.57 -19.70
C ARG A 226 -3.26 -11.26 -20.86
N SER A 249 10.66 15.64 -21.60
CA SER A 249 10.54 14.26 -21.20
C SER A 249 11.87 13.65 -20.73
N VAL A 250 11.76 12.52 -20.07
CA VAL A 250 12.90 11.90 -19.42
C VAL A 250 12.98 10.53 -20.04
N SER A 251 14.16 10.13 -20.54
CA SER A 251 14.30 8.77 -21.10
C SER A 251 14.53 7.71 -20.01
N ALA A 252 14.35 6.44 -20.41
CA ALA A 252 14.68 5.34 -19.49
C ALA A 252 16.17 5.40 -19.11
N ASP A 253 17.05 5.76 -20.06
CA ASP A 253 18.46 5.91 -19.74
C ASP A 253 18.71 7.04 -18.74
N ASP A 254 17.94 8.13 -18.86
CA ASP A 254 18.06 9.25 -17.91
C ASP A 254 17.68 8.75 -16.51
N VAL A 255 16.55 8.02 -16.45
CA VAL A 255 16.07 7.46 -15.17
C VAL A 255 17.15 6.54 -14.58
N ALA A 256 17.78 5.74 -15.44
CA ALA A 256 18.83 4.82 -14.98
C ALA A 256 20.03 5.55 -14.34
N ARG A 257 20.43 6.67 -14.94
CA ARG A 257 21.54 7.45 -14.35
C ARG A 257 21.12 7.99 -12.98
N LEU A 258 19.91 8.54 -12.89
CA LEU A 258 19.45 9.08 -11.62
C LEU A 258 19.37 7.98 -10.55
N THR A 259 18.90 6.81 -10.98
CA THR A 259 18.72 5.69 -10.06
C THR A 259 20.07 5.18 -9.53
N ALA A 260 21.05 5.06 -10.42
CA ALA A 260 22.38 4.60 -10.01
C ALA A 260 22.97 5.63 -9.05
N ASP A 261 22.83 6.91 -9.40
CA ASP A 261 23.31 7.99 -8.52
C ASP A 261 22.64 7.98 -7.16
N ALA A 262 21.32 7.76 -7.13
CA ALA A 262 20.59 7.76 -5.86
C ALA A 262 20.99 6.61 -4.98
N ILE A 263 21.28 5.48 -5.59
CA ILE A 263 21.72 4.31 -4.84
C ILE A 263 23.06 4.62 -4.17
N LEU A 264 23.99 5.21 -4.91
CA LEU A 264 25.30 5.53 -4.30
C LEU A 264 25.22 6.59 -3.23
N ALA A 265 24.25 7.49 -3.36
CA ALA A 265 24.02 8.54 -2.35
C ALA A 265 23.14 8.00 -1.19
N ASN A 266 22.65 6.78 -1.35
CA ASN A 266 21.68 6.19 -0.42
C ASN A 266 20.49 7.10 -0.12
N ARG A 267 19.90 7.63 -1.19
CA ARG A 267 18.64 8.37 -1.07
C ARG A 267 17.46 7.42 -1.15
N LEU A 268 16.52 7.61 -0.21
CA LEU A 268 15.32 6.76 -0.15
C LEU A 268 14.40 6.96 -1.35
N TYR A 269 14.21 8.21 -1.77
CA TYR A 269 13.30 8.48 -2.89
C TYR A 269 14.06 8.83 -4.14
N ILE A 270 13.54 8.36 -5.28
CA ILE A 270 14.10 8.71 -6.59
C ILE A 270 12.95 9.26 -7.41
N LEU A 271 13.05 10.55 -7.77
CA LEU A 271 11.91 11.31 -8.26
C LEU A 271 12.31 12.05 -9.53
N PRO A 272 12.25 11.37 -10.69
CA PRO A 272 12.82 11.98 -11.92
C PRO A 272 12.06 13.18 -12.47
N HIS A 273 10.78 13.30 -12.14
CA HIS A 273 9.93 14.36 -12.71
C HIS A 273 9.59 15.41 -11.67
N ALA A 274 10.11 16.62 -11.86
CA ALA A 274 9.88 17.71 -10.93
C ALA A 274 8.41 18.12 -10.90
N ALA A 275 7.65 17.75 -11.91
CA ALA A 275 6.23 18.10 -11.94
C ALA A 275 5.48 17.39 -10.84
N ALA A 276 6.07 16.34 -10.29
CA ALA A 276 5.44 15.61 -9.21
C ALA A 276 5.40 16.38 -7.91
N ARG A 277 6.32 17.34 -7.73
CA ARG A 277 6.55 17.99 -6.44
C ARG A 277 5.30 18.67 -5.87
N GLU A 278 4.64 19.48 -6.69
CA GLU A 278 3.47 20.21 -6.24
C GLU A 278 2.31 19.28 -5.87
N SER A 279 2.08 18.22 -6.64
CA SER A 279 1.01 17.25 -6.32
CA SER A 279 1.02 17.26 -6.34
C SER A 279 1.25 16.58 -4.98
N ILE A 280 2.52 16.24 -4.70
CA ILE A 280 2.86 15.63 -3.41
C ILE A 280 2.58 16.64 -2.29
N ARG A 281 2.97 17.89 -2.49
CA ARG A 281 2.71 18.91 -1.48
C ARG A 281 1.21 19.06 -1.25
N ARG A 282 0.43 19.02 -2.34
CA ARG A 282 -1.02 19.20 -2.21
C ARG A 282 -1.62 18.05 -1.39
N ARG A 283 -1.11 16.84 -1.60
CA ARG A 283 -1.61 15.68 -0.81
C ARG A 283 -1.29 15.89 0.67
N PHE A 284 -0.05 16.27 0.98
CA PHE A 284 0.32 16.54 2.37
C PHE A 284 -0.58 17.58 2.99
N GLU A 285 -0.86 18.64 2.26
CA GLU A 285 -1.71 19.72 2.77
C GLU A 285 -3.11 19.25 3.09
N ARG A 286 -3.68 18.40 2.23
CA ARG A 286 -5.03 17.85 2.47
C ARG A 286 -5.04 17.01 3.75
N ILE A 287 -3.98 16.25 3.98
CA ILE A 287 -3.92 15.45 5.20
C ILE A 287 -3.74 16.40 6.38
N ASP A 288 -2.78 17.31 6.27
CA ASP A 288 -2.42 18.13 7.42
C ASP A 288 -3.55 19.02 7.90
N ARG A 289 -4.33 19.55 6.95
CA ARG A 289 -5.38 20.47 7.36
CA ARG A 289 -5.43 20.45 7.29
C ARG A 289 -6.52 19.76 8.08
N THR A 290 -6.57 18.44 7.96
CA THR A 290 -7.59 17.64 8.64
C THR A 290 -7.54 17.91 10.13
N PHE A 291 -6.33 18.03 10.67
CA PHE A 291 -6.18 18.26 12.10
C PHE A 291 -6.85 19.58 12.53
N ASP A 292 -6.69 20.62 11.73
CA ASP A 292 -7.31 21.90 12.08
C ASP A 292 -8.82 21.84 11.91
N GLU A 293 -9.28 21.09 10.91
CA GLU A 293 -10.72 21.00 10.67
C GLU A 293 -11.39 20.24 11.81
N GLN A 294 -10.73 19.18 12.28
CA GLN A 294 -11.22 18.42 13.44
C GLN A 294 -11.26 19.28 14.70
N ALA A 295 -10.17 20.00 14.95
CA ALA A 295 -10.12 20.87 16.13
C ALA A 295 -11.23 21.94 16.08
N ALA A 296 -11.50 22.48 14.89
CA ALA A 296 -12.56 23.50 14.73
C ALA A 296 -13.95 22.95 15.09
N GLU A 297 -14.12 21.65 14.93
CA GLU A 297 -15.37 20.96 15.22
C GLU A 297 -15.42 20.60 16.71
N GLY A 298 -14.34 20.85 17.44
CA GLY A 298 -14.30 20.57 18.87
C GLY A 298 -13.54 19.33 19.29
N TRP A 299 -12.87 18.67 18.35
CA TRP A 299 -12.10 17.49 18.69
C TRP A 299 -10.84 17.87 19.41
N THR A 300 -10.59 17.28 20.57
CA THR A 300 -9.46 17.70 21.40
C THR A 300 -8.32 16.67 21.51
N HIS A 301 -8.37 15.58 20.75
CA HIS A 301 -7.39 14.52 20.92
C HIS A 301 -6.37 14.48 19.81
N GLY B 24 -25.76 14.23 -3.73
CA GLY B 24 -26.02 12.90 -3.07
C GLY B 24 -25.23 12.64 -1.79
N PHE B 25 -24.36 13.58 -1.40
CA PHE B 25 -23.53 13.40 -0.19
C PHE B 25 -24.39 13.25 1.06
N LEU B 26 -23.98 12.35 1.95
CA LEU B 26 -24.76 12.02 3.14
C LEU B 26 -25.01 13.27 3.97
N SER B 27 -26.29 13.56 4.21
CA SER B 27 -26.71 14.74 4.96
C SER B 27 -27.03 14.45 6.43
N GLY B 28 -27.29 13.19 6.74
CA GLY B 28 -27.59 12.75 8.10
C GLY B 28 -27.67 11.25 8.07
N PHE B 29 -27.72 10.63 9.25
CA PHE B 29 -27.83 9.18 9.33
C PHE B 29 -29.26 8.70 9.58
N ASP B 30 -30.15 9.64 9.94
CA ASP B 30 -31.48 9.25 10.39
C ASP B 30 -32.28 8.61 9.27
N GLY B 31 -32.69 7.36 9.51
CA GLY B 31 -33.42 6.59 8.52
C GLY B 31 -32.57 6.04 7.40
N ARG B 32 -31.28 6.33 7.40
CA ARG B 32 -30.38 5.83 6.34
C ARG B 32 -29.98 4.38 6.62
N ALA B 33 -29.40 3.73 5.61
CA ALA B 33 -29.01 2.32 5.71
C ALA B 33 -27.49 2.22 5.66
N ALA B 34 -26.90 1.55 6.65
CA ALA B 34 -25.42 1.41 6.72
C ALA B 34 -25.01 -0.05 6.82
N VAL B 35 -23.95 -0.40 6.10
CA VAL B 35 -23.35 -1.73 6.19
C VAL B 35 -21.96 -1.56 6.81
N VAL B 36 -21.67 -2.34 7.85
CA VAL B 36 -20.38 -2.26 8.53
C VAL B 36 -19.77 -3.65 8.54
N THR B 37 -18.64 -3.82 7.86
CA THR B 37 -17.95 -5.11 7.93
C THR B 37 -17.09 -5.15 9.20
N GLY B 38 -16.81 -6.35 9.68
CA GLY B 38 -16.10 -6.52 10.97
C GLY B 38 -16.87 -5.76 12.05
N GLY B 39 -18.19 -5.84 11.98
CA GLY B 39 -19.07 -5.07 12.86
C GLY B 39 -19.36 -5.68 14.21
N ALA B 40 -18.81 -6.87 14.53
CA ALA B 40 -19.15 -7.54 15.78
C ALA B 40 -18.33 -7.08 16.97
N SER B 41 -17.24 -6.36 16.71
CA SER B 41 -16.37 -5.90 17.80
C SER B 41 -15.55 -4.69 17.35
N GLY B 42 -14.75 -4.18 18.29
CA GLY B 42 -13.81 -3.11 18.00
C GLY B 42 -14.39 -1.89 17.32
N ILE B 43 -13.62 -1.38 16.37
CA ILE B 43 -13.95 -0.17 15.65
C ILE B 43 -15.28 -0.35 14.92
N GLY B 44 -15.48 -1.54 14.32
CA GLY B 44 -16.68 -1.80 13.55
C GLY B 44 -17.93 -1.65 14.40
N LEU B 45 -17.92 -2.32 15.56
CA LEU B 45 -19.10 -2.26 16.43
C LEU B 45 -19.31 -0.87 17.02
N ALA B 46 -18.22 -0.23 17.41
CA ALA B 46 -18.35 1.13 17.96
C ALA B 46 -18.96 2.08 16.93
N THR B 47 -18.53 1.92 15.69
CA THR B 47 -18.97 2.83 14.64
C THR B 47 -20.41 2.54 14.28
N ALA B 48 -20.75 1.26 14.11
CA ALA B 48 -22.12 0.87 13.85
C ALA B 48 -23.06 1.39 14.94
N THR B 49 -22.62 1.31 16.20
CA THR B 49 -23.45 1.73 17.32
C THR B 49 -23.68 3.24 17.24
N GLU B 50 -22.63 3.98 16.93
CA GLU B 50 -22.77 5.42 16.72
C GLU B 50 -23.74 5.76 15.56
N PHE B 51 -23.66 5.02 14.46
CA PHE B 51 -24.57 5.26 13.34
C PHE B 51 -26.01 5.02 13.79
N ALA B 52 -26.21 3.95 14.55
CA ALA B 52 -27.57 3.59 15.05
C ALA B 52 -28.10 4.64 16.03
N ARG B 53 -27.21 5.17 16.88
CA ARG B 53 -27.63 6.24 17.79
C ARG B 53 -28.16 7.43 17.02
N ARG B 54 -27.64 7.64 15.82
CA ARG B 54 -28.02 8.76 14.96
C ARG B 54 -29.16 8.40 14.02
N GLY B 55 -29.69 7.19 14.17
CA GLY B 55 -30.90 6.77 13.45
C GLY B 55 -30.74 5.84 12.25
N ALA B 56 -29.53 5.37 11.98
CA ALA B 56 -29.30 4.44 10.87
C ALA B 56 -29.81 3.04 11.17
N ARG B 57 -30.32 2.37 10.14
CA ARG B 57 -30.59 0.92 10.14
C ARG B 57 -29.30 0.23 9.73
N LEU B 58 -28.99 -0.89 10.37
CA LEU B 58 -27.68 -1.54 10.23
CA LEU B 58 -27.67 -1.52 10.23
C LEU B 58 -27.70 -2.93 9.65
N VAL B 59 -26.71 -3.22 8.80
CA VAL B 59 -26.33 -4.59 8.52
C VAL B 59 -24.89 -4.71 8.95
N LEU B 60 -24.63 -5.63 9.88
CA LEU B 60 -23.25 -5.92 10.33
C LEU B 60 -22.79 -7.23 9.74
N SER B 61 -21.52 -7.32 9.35
CA SER B 61 -20.93 -8.62 9.00
C SER B 61 -19.74 -8.94 9.88
N ASP B 62 -19.50 -10.23 10.04
CA ASP B 62 -18.33 -10.72 10.77
C ASP B 62 -18.19 -12.19 10.42
N VAL B 63 -17.03 -12.78 10.71
CA VAL B 63 -16.82 -14.21 10.42
C VAL B 63 -17.52 -15.16 11.37
N ASP B 64 -17.85 -14.64 12.55
CA ASP B 64 -18.28 -15.46 13.69
C ASP B 64 -19.78 -15.34 13.90
N GLN B 65 -20.54 -16.37 13.50
CA GLN B 65 -22.01 -16.28 13.60
C GLN B 65 -22.51 -15.98 15.03
N PRO B 66 -22.08 -16.79 16.03
CA PRO B 66 -22.67 -16.47 17.35
C PRO B 66 -22.24 -15.09 17.93
N ALA B 67 -21.02 -14.66 17.69
CA ALA B 67 -20.59 -13.34 18.19
C ALA B 67 -21.29 -12.20 17.44
N LEU B 68 -21.56 -12.43 16.16
CA LEU B 68 -22.31 -11.46 15.37
C LEU B 68 -23.75 -11.40 15.89
N GLU B 69 -24.34 -12.57 16.17
CA GLU B 69 -25.69 -12.61 16.73
C GLU B 69 -25.77 -11.81 18.02
N GLN B 70 -24.73 -11.92 18.85
CA GLN B 70 -24.68 -11.19 20.12
C GLN B 70 -24.60 -9.67 19.95
N ALA B 71 -23.75 -9.20 19.04
CA ALA B 71 -23.64 -7.78 18.76
C ALA B 71 -24.97 -7.23 18.23
N VAL B 72 -25.59 -7.98 17.33
CA VAL B 72 -26.86 -7.58 16.75
C VAL B 72 -27.94 -7.51 17.83
N ASN B 73 -28.00 -8.53 18.68
CA ASN B 73 -28.98 -8.52 19.78
C ASN B 73 -28.73 -7.38 20.76
N GLY B 74 -27.47 -7.03 20.99
CA GLY B 74 -27.14 -5.87 21.81
C GLY B 74 -27.72 -4.61 21.22
N LEU B 75 -27.60 -4.45 19.90
CA LEU B 75 -28.09 -3.25 19.27
C LEU B 75 -29.62 -3.22 19.33
N ARG B 76 -30.25 -4.36 19.09
CA ARG B 76 -31.73 -4.43 19.16
C ARG B 76 -32.19 -4.12 20.58
N GLY B 77 -31.40 -4.56 21.55
CA GLY B 77 -31.68 -4.29 22.97
C GLY B 77 -31.68 -2.81 23.32
N GLN B 78 -30.91 -2.02 22.57
CA GLN B 78 -30.83 -0.57 22.72
C GLN B 78 -31.93 0.16 21.94
N GLY B 79 -32.77 -0.61 21.23
CA GLY B 79 -33.89 -0.06 20.50
C GLY B 79 -33.61 0.14 19.00
N PHE B 80 -32.45 -0.33 18.55
CA PHE B 80 -32.07 -0.12 17.15
C PHE B 80 -32.52 -1.24 16.23
N ASP B 81 -32.36 -1.01 14.93
CA ASP B 81 -32.72 -2.01 13.91
C ASP B 81 -31.43 -2.50 13.26
N ALA B 82 -31.11 -3.77 13.44
CA ALA B 82 -29.82 -4.33 13.00
C ALA B 82 -30.01 -5.78 12.56
N HIS B 83 -29.27 -6.18 11.52
CA HIS B 83 -29.17 -7.55 11.10
C HIS B 83 -27.72 -7.91 10.95
N GLY B 84 -27.43 -9.20 11.12
CA GLY B 84 -26.08 -9.72 10.95
C GLY B 84 -26.02 -10.66 9.76
N VAL B 85 -24.94 -10.54 8.98
CA VAL B 85 -24.70 -11.46 7.85
C VAL B 85 -23.27 -11.99 8.03
N VAL B 86 -23.10 -13.31 8.07
CA VAL B 86 -21.77 -13.91 8.17
C VAL B 86 -21.01 -13.71 6.85
N CYS B 87 -19.79 -13.19 6.98
CA CYS B 87 -18.95 -12.92 5.81
C CYS B 87 -17.49 -12.81 6.23
N ASP B 88 -16.60 -13.48 5.51
CA ASP B 88 -15.16 -13.27 5.68
C ASP B 88 -14.72 -12.35 4.54
N VAL B 89 -14.21 -11.18 4.88
CA VAL B 89 -13.91 -10.17 3.85
C VAL B 89 -12.82 -10.59 2.87
N ARG B 90 -12.06 -11.65 3.19
CA ARG B 90 -10.98 -12.15 2.32
C ARG B 90 -11.52 -12.83 1.09
N HIS B 91 -12.83 -13.12 1.08
CA HIS B 91 -13.42 -13.90 0.00
C HIS B 91 -14.41 -13.07 -0.78
N LEU B 92 -14.08 -12.79 -2.02
CA LEU B 92 -14.94 -11.92 -2.85
C LEU B 92 -16.37 -12.46 -2.93
N ASP B 93 -16.54 -13.78 -3.14
CA ASP B 93 -17.88 -14.32 -3.25
C ASP B 93 -18.73 -14.04 -2.01
N GLU B 94 -18.10 -14.06 -0.84
CA GLU B 94 -18.82 -13.83 0.39
C GLU B 94 -19.21 -12.36 0.50
N MET B 95 -18.35 -11.49 -0.03
CA MET B 95 -18.62 -10.07 -0.02
CA MET B 95 -18.62 -10.06 -0.02
C MET B 95 -19.76 -9.71 -0.99
N VAL B 96 -19.81 -10.40 -2.12
CA VAL B 96 -20.90 -10.25 -3.08
C VAL B 96 -22.22 -10.71 -2.45
N ARG B 97 -22.18 -11.83 -1.73
CA ARG B 97 -23.36 -12.33 -1.01
CA ARG B 97 -23.36 -12.33 -1.03
C ARG B 97 -23.81 -11.33 0.05
N LEU B 98 -22.84 -10.74 0.75
CA LEU B 98 -23.16 -9.71 1.73
C LEU B 98 -23.85 -8.51 1.07
N ALA B 99 -23.30 -8.02 -0.04
CA ALA B 99 -23.96 -6.89 -0.73
C ALA B 99 -25.37 -7.25 -1.12
N ASP B 100 -25.57 -8.45 -1.67
CA ASP B 100 -26.93 -8.89 -2.05
C ASP B 100 -27.86 -8.89 -0.84
N GLU B 101 -27.39 -9.45 0.28
CA GLU B 101 -28.22 -9.55 1.47
C GLU B 101 -28.51 -8.17 2.06
N ALA B 102 -27.51 -7.28 2.04
CA ALA B 102 -27.69 -5.93 2.59
C ALA B 102 -28.74 -5.16 1.80
N PHE B 103 -28.66 -5.18 0.48
CA PHE B 103 -29.70 -4.52 -0.32
C PHE B 103 -31.07 -5.14 -0.09
N ARG B 104 -31.14 -6.47 0.06
CA ARG B 104 -32.46 -7.10 0.35
C ARG B 104 -33.03 -6.66 1.70
N LEU B 105 -32.21 -6.68 2.74
CA LEU B 105 -32.69 -6.41 4.10
C LEU B 105 -32.99 -4.93 4.32
N LEU B 106 -32.17 -4.06 3.72
CA LEU B 106 -32.27 -2.60 3.95
C LEU B 106 -33.04 -1.85 2.86
N GLY B 107 -33.23 -2.49 1.71
CA GLY B 107 -33.91 -1.84 0.58
C GLY B 107 -33.07 -0.80 -0.13
N GLY B 108 -31.79 -0.77 0.19
CA GLY B 108 -30.87 0.20 -0.39
C GLY B 108 -29.74 0.27 0.59
N VAL B 109 -28.63 0.86 0.17
CA VAL B 109 -27.48 1.03 1.06
C VAL B 109 -26.96 2.45 0.88
N ASP B 110 -26.80 3.20 1.96
CA ASP B 110 -26.33 4.59 1.88
C ASP B 110 -24.87 4.72 2.31
N VAL B 111 -24.45 3.91 3.28
CA VAL B 111 -23.09 4.02 3.83
C VAL B 111 -22.52 2.63 3.90
N VAL B 112 -21.29 2.49 3.42
CA VAL B 112 -20.55 1.24 3.56
C VAL B 112 -19.28 1.57 4.33
N PHE B 113 -19.08 0.90 5.47
CA PHE B 113 -17.89 1.11 6.29
CA PHE B 113 -17.91 1.11 6.27
C PHE B 113 -17.12 -0.19 6.27
N SER B 114 -15.98 -0.17 5.57
CA SER B 114 -15.13 -1.33 5.35
C SER B 114 -14.09 -1.42 6.46
N ASN B 115 -14.12 -2.53 7.18
CA ASN B 115 -13.30 -2.62 8.36
C ASN B 115 -12.97 -4.08 8.55
N ALA B 116 -11.71 -4.37 8.82
CA ALA B 116 -11.38 -5.75 9.12
C ALA B 116 -10.06 -5.73 9.84
N GLY B 117 -9.78 -6.77 10.62
CA GLY B 117 -8.37 -6.95 11.06
C GLY B 117 -8.02 -6.16 12.31
N ILE B 118 -6.83 -6.45 12.85
CA ILE B 118 -6.27 -5.73 13.99
C ILE B 118 -4.80 -5.44 13.71
N VAL B 119 -4.20 -4.64 14.58
CA VAL B 119 -2.77 -4.35 14.41
C VAL B 119 -1.96 -5.61 14.68
N VAL B 120 -1.11 -5.96 13.71
CA VAL B 120 -0.15 -7.08 13.88
C VAL B 120 1.24 -6.61 13.55
N ALA B 121 2.18 -6.92 14.41
CA ALA B 121 3.55 -6.45 14.30
C ALA B 121 4.55 -7.57 14.18
N GLY B 122 5.74 -7.21 13.69
CA GLY B 122 6.88 -8.12 13.63
C GLY B 122 7.89 -7.59 12.63
N PRO B 123 9.18 -7.89 12.82
CA PRO B 123 10.18 -7.37 11.88
C PRO B 123 9.99 -7.98 10.50
N LEU B 124 10.20 -7.16 9.46
CA LEU B 124 10.05 -7.61 8.08
C LEU B 124 10.87 -8.89 7.82
N ALA B 125 12.09 -8.93 8.38
CA ALA B 125 12.99 -10.05 8.15
C ALA B 125 12.46 -11.36 8.68
N GLN B 126 11.56 -11.30 9.65
CA GLN B 126 11.01 -12.51 10.22
C GLN B 126 9.60 -12.87 9.75
N MET B 127 9.08 -12.14 8.77
CA MET B 127 7.76 -12.48 8.24
C MET B 127 7.89 -13.62 7.26
N ASN B 128 7.19 -14.73 7.50
CA ASN B 128 7.20 -15.77 6.48
C ASN B 128 6.09 -15.56 5.47
N HIS B 129 6.00 -16.45 4.49
CA HIS B 129 5.03 -16.24 3.43
C HIS B 129 3.61 -16.30 3.95
N ASP B 130 3.34 -17.16 4.92
CA ASP B 130 1.98 -17.23 5.47
C ASP B 130 1.60 -15.92 6.16
N ASP B 131 2.56 -15.30 6.87
CA ASP B 131 2.33 -14.00 7.51
C ASP B 131 1.92 -12.97 6.46
N TRP B 132 2.67 -12.89 5.37
CA TRP B 132 2.35 -11.96 4.30
C TRP B 132 0.99 -12.22 3.67
N ARG B 133 0.72 -13.49 3.36
CA ARG B 133 -0.54 -13.85 2.73
CA ARG B 133 -0.55 -13.83 2.72
C ARG B 133 -1.75 -13.44 3.58
N TRP B 134 -1.67 -13.75 4.87
CA TRP B 134 -2.78 -13.44 5.75
C TRP B 134 -3.01 -11.93 5.78
N VAL B 135 -1.96 -11.15 5.97
CA VAL B 135 -2.14 -9.70 6.15
C VAL B 135 -2.62 -9.03 4.86
N ILE B 136 -2.02 -9.40 3.73
CA ILE B 136 -2.51 -8.81 2.47
C ILE B 136 -3.96 -9.21 2.25
N ASP B 137 -4.33 -10.44 2.55
CA ASP B 137 -5.74 -10.84 2.37
C ASP B 137 -6.70 -10.07 3.27
N ILE B 138 -6.47 -10.04 4.57
CA ILE B 138 -7.45 -9.41 5.45
CA ILE B 138 -7.47 -9.40 5.42
C ILE B 138 -7.40 -7.88 5.38
N ASP B 139 -6.18 -7.34 5.34
CA ASP B 139 -6.00 -5.90 5.50
C ASP B 139 -5.99 -5.13 4.20
N LEU B 140 -5.81 -5.80 3.07
CA LEU B 140 -5.85 -5.10 1.76
C LEU B 140 -6.99 -5.66 0.93
N TRP B 141 -7.01 -6.96 0.66
CA TRP B 141 -8.10 -7.50 -0.14
C TRP B 141 -9.47 -7.30 0.48
N GLY B 142 -9.54 -7.32 1.80
CA GLY B 142 -10.85 -7.09 2.44
C GLY B 142 -11.41 -5.74 2.07
N SER B 143 -10.55 -4.75 1.81
CA SER B 143 -11.02 -3.42 1.43
C SER B 143 -11.28 -3.31 -0.08
N ILE B 144 -10.37 -3.88 -0.88
CA ILE B 144 -10.62 -3.97 -2.32
C ILE B 144 -11.96 -4.69 -2.61
N HIS B 145 -12.22 -5.79 -1.91
CA HIS B 145 -13.47 -6.53 -2.11
C HIS B 145 -14.66 -5.70 -1.78
N ALA B 146 -14.54 -4.82 -0.78
CA ALA B 146 -15.70 -3.94 -0.47
C ALA B 146 -16.03 -3.01 -1.64
N VAL B 147 -15.00 -2.49 -2.31
CA VAL B 147 -15.21 -1.70 -3.53
C VAL B 147 -15.76 -2.55 -4.68
N GLU B 148 -15.19 -3.73 -4.89
CA GLU B 148 -15.68 -4.59 -5.98
C GLU B 148 -17.15 -4.96 -5.79
N ALA B 149 -17.52 -5.29 -4.54
CA ALA B 149 -18.88 -5.77 -4.26
C ALA B 149 -19.90 -4.66 -4.15
N PHE B 150 -19.50 -3.49 -3.65
CA PHE B 150 -20.50 -2.42 -3.37
C PHE B 150 -20.51 -1.26 -4.32
N LEU B 151 -19.37 -0.93 -4.92
CA LEU B 151 -19.31 0.33 -5.69
C LEU B 151 -20.26 0.35 -6.89
N PRO B 152 -20.25 -0.72 -7.73
CA PRO B 152 -21.17 -0.63 -8.86
C PRO B 152 -22.63 -0.55 -8.41
N ARG B 153 -22.97 -1.25 -7.33
CA ARG B 153 -24.36 -1.19 -6.84
C ARG B 153 -24.71 0.20 -6.31
N LEU B 154 -23.78 0.86 -5.61
CA LEU B 154 -24.05 2.23 -5.17
C LEU B 154 -24.20 3.20 -6.36
N LEU B 155 -23.41 3.01 -7.40
CA LEU B 155 -23.51 3.86 -8.59
C LEU B 155 -24.85 3.62 -9.30
N GLU B 156 -25.26 2.36 -9.43
CA GLU B 156 -26.52 2.05 -10.09
C GLU B 156 -27.69 2.58 -9.28
N GLN B 157 -27.61 2.48 -7.96
CA GLN B 157 -28.68 3.03 -7.10
C GLN B 157 -28.86 4.52 -7.35
N GLY B 158 -27.75 5.22 -7.59
CA GLY B 158 -27.78 6.57 -8.14
C GLY B 158 -28.22 7.68 -7.20
N THR B 159 -28.14 7.44 -5.89
CA THR B 159 -28.55 8.43 -4.89
C THR B 159 -27.42 8.90 -3.99
N GLY B 160 -26.20 8.70 -4.46
CA GLY B 160 -25.02 9.08 -3.69
C GLY B 160 -24.88 8.18 -2.48
N GLY B 161 -24.16 8.67 -1.46
CA GLY B 161 -23.93 7.88 -0.25
C GLY B 161 -22.49 8.10 0.20
N HIS B 162 -21.93 7.13 0.91
CA HIS B 162 -20.58 7.30 1.47
C HIS B 162 -19.93 5.97 1.61
N ILE B 163 -18.64 5.93 1.31
CA ILE B 163 -17.85 4.71 1.54
C ILE B 163 -16.68 5.08 2.44
N ALA B 164 -16.55 4.38 3.54
CA ALA B 164 -15.42 4.65 4.46
C ALA B 164 -14.62 3.38 4.71
N PHE B 165 -13.33 3.57 4.97
CA PHE B 165 -12.40 2.48 5.22
C PHE B 165 -11.68 2.68 6.53
N THR B 166 -11.39 1.58 7.22
CA THR B 166 -10.41 1.62 8.29
C THR B 166 -9.04 1.25 7.78
N ALA B 167 -8.15 2.23 7.74
CA ALA B 167 -6.75 1.98 7.40
C ALA B 167 -5.98 2.02 8.71
N SER B 168 -5.01 2.94 8.83
CA SER B 168 -4.15 3.06 10.00
C SER B 168 -3.26 4.28 9.82
N PHE B 169 -2.77 4.83 10.93
CA PHE B 169 -1.60 5.70 10.89
C PHE B 169 -0.48 5.02 10.07
N ALA B 170 -0.40 3.70 10.17
CA ALA B 170 0.61 2.92 9.43
C ALA B 170 0.33 2.85 7.92
N GLY B 171 -0.81 3.39 7.48
CA GLY B 171 -1.11 3.63 6.07
C GLY B 171 -0.62 4.96 5.56
N LEU B 172 -0.14 5.81 6.47
CA LEU B 172 0.32 7.18 6.12
C LEU B 172 1.80 7.39 6.30
N VAL B 173 2.42 6.66 7.22
CA VAL B 173 3.87 6.81 7.47
C VAL B 173 4.47 5.43 7.79
N PRO B 174 5.78 5.28 7.58
CA PRO B 174 6.45 4.02 7.98
C PRO B 174 6.56 3.87 9.48
N ASN B 175 6.29 2.66 9.98
CA ASN B 175 6.50 2.39 11.40
C ASN B 175 7.31 1.11 11.49
N ALA B 176 8.54 1.18 11.99
CA ALA B 176 9.31 -0.05 12.21
C ALA B 176 8.51 -1.05 13.03
N GLY B 177 8.55 -2.30 12.59
CA GLY B 177 7.77 -3.34 13.24
C GLY B 177 6.36 -3.49 12.68
N LEU B 178 5.89 -2.54 11.89
CA LEU B 178 4.60 -2.68 11.20
C LEU B 178 4.79 -2.68 9.70
N GLY B 179 5.86 -3.32 9.24
CA GLY B 179 6.11 -3.33 7.80
C GLY B 179 5.01 -4.02 6.98
N THR B 180 4.64 -5.24 7.36
CA THR B 180 3.65 -6.00 6.58
C THR B 180 2.26 -5.38 6.68
N TYR B 181 1.81 -5.09 7.89
CA TYR B 181 0.54 -4.40 8.11
C TYR B 181 0.52 -3.06 7.36
N GLY B 182 1.65 -2.34 7.46
CA GLY B 182 1.80 -1.08 6.73
C GLY B 182 1.65 -1.17 5.23
N VAL B 183 2.22 -2.19 4.62
CA VAL B 183 2.06 -2.34 3.17
C VAL B 183 0.58 -2.43 2.83
N ALA B 184 -0.14 -3.28 3.55
CA ALA B 184 -1.58 -3.39 3.28
C ALA B 184 -2.29 -2.04 3.50
N LYS B 185 -1.98 -1.40 4.62
CA LYS B 185 -2.69 -0.18 4.95
C LYS B 185 -2.36 0.99 4.02
N TYR B 186 -1.11 1.04 3.52
CA TYR B 186 -0.80 2.01 2.45
C TYR B 186 -1.70 1.76 1.25
N GLY B 187 -1.89 0.49 0.88
CA GLY B 187 -2.80 0.20 -0.25
C GLY B 187 -4.22 0.70 -0.02
N VAL B 188 -4.73 0.57 1.21
CA VAL B 188 -6.09 1.03 1.55
C VAL B 188 -6.17 2.55 1.46
N VAL B 189 -5.15 3.25 1.97
CA VAL B 189 -5.15 4.71 1.85
C VAL B 189 -5.15 5.14 0.38
N GLY B 190 -4.32 4.49 -0.46
CA GLY B 190 -4.30 4.84 -1.88
C GLY B 190 -5.65 4.61 -2.52
N LEU B 191 -6.27 3.48 -2.18
CA LEU B 191 -7.62 3.14 -2.67
C LEU B 191 -8.63 4.23 -2.34
N ALA B 192 -8.64 4.62 -1.06
CA ALA B 192 -9.57 5.66 -0.60
C ALA B 192 -9.33 7.03 -1.30
N GLU B 193 -8.06 7.40 -1.47
CA GLU B 193 -7.77 8.72 -2.02
C GLU B 193 -8.18 8.79 -3.48
N THR B 194 -7.91 7.71 -4.23
CA THR B 194 -8.34 7.72 -5.63
C THR B 194 -9.85 7.61 -5.77
N LEU B 195 -10.45 6.75 -4.97
CA LEU B 195 -11.90 6.59 -5.03
C LEU B 195 -12.59 7.93 -4.74
N ALA B 196 -12.07 8.68 -3.77
CA ALA B 196 -12.68 9.96 -3.41
C ALA B 196 -12.83 10.85 -4.63
N ARG B 197 -11.78 10.94 -5.41
CA ARG B 197 -11.78 11.77 -6.62
C ARG B 197 -12.74 11.25 -7.66
N GLU B 198 -12.79 9.93 -7.81
CA GLU B 198 -13.57 9.36 -8.91
C GLU B 198 -15.06 9.46 -8.69
N VAL B 199 -15.51 9.35 -7.45
CA VAL B 199 -16.96 9.25 -7.24
C VAL B 199 -17.58 10.47 -6.61
N LYS B 200 -16.75 11.49 -6.34
CA LYS B 200 -17.27 12.79 -5.93
C LYS B 200 -18.36 13.31 -6.91
N PRO B 201 -18.16 13.17 -8.23
CA PRO B 201 -19.18 13.65 -9.17
C PRO B 201 -20.50 12.89 -9.05
N ASN B 202 -20.46 11.69 -8.47
CA ASN B 202 -21.66 10.91 -8.27
C ASN B 202 -22.30 11.14 -6.91
N GLY B 203 -21.76 12.09 -6.15
CA GLY B 203 -22.31 12.36 -4.82
C GLY B 203 -22.03 11.26 -3.80
N ILE B 204 -20.96 10.49 -4.03
CA ILE B 204 -20.51 9.52 -3.04
C ILE B 204 -19.28 10.07 -2.34
N GLY B 205 -19.40 10.32 -1.04
CA GLY B 205 -18.26 10.77 -0.22
C GLY B 205 -17.38 9.61 0.14
N VAL B 206 -16.12 9.89 0.45
CA VAL B 206 -15.19 8.83 0.86
C VAL B 206 -14.37 9.31 2.06
N SER B 207 -14.20 8.43 3.05
CA SER B 207 -13.33 8.73 4.19
C SER B 207 -12.45 7.53 4.53
N VAL B 208 -11.30 7.82 5.10
CA VAL B 208 -10.39 6.77 5.60
C VAL B 208 -9.97 7.08 7.02
N LEU B 209 -10.29 6.16 7.91
CA LEU B 209 -9.96 6.30 9.36
C LEU B 209 -8.57 5.73 9.59
N CYS B 210 -7.70 6.52 10.22
CA CYS B 210 -6.29 6.12 10.40
C CYS B 210 -5.90 6.14 11.89
N PRO B 211 -6.25 5.07 12.64
CA PRO B 211 -5.99 4.99 14.07
C PRO B 211 -4.50 4.92 14.36
N MET B 212 -4.12 5.50 15.49
CA MET B 212 -2.74 5.61 15.91
C MET B 212 -2.22 4.28 16.43
N VAL B 213 -0.91 4.09 16.29
CA VAL B 213 -0.22 2.95 16.87
C VAL B 213 0.86 3.47 17.80
N VAL B 214 1.28 2.62 18.73
CA VAL B 214 2.31 3.01 19.70
C VAL B 214 3.19 1.81 20.03
N GLU B 215 4.49 2.06 20.18
CA GLU B 215 5.40 1.07 20.68
C GLU B 215 5.32 1.18 22.20
N THR B 216 4.80 0.16 22.87
CA THR B 216 4.74 0.18 24.33
C THR B 216 6.14 -0.03 24.85
N LYS B 217 6.74 1.02 25.40
CA LYS B 217 8.08 0.92 25.95
C LYS B 217 8.02 0.14 27.28
N LEU B 218 9.10 -0.56 27.61
CA LEU B 218 9.10 -1.39 28.82
C LEU B 218 9.10 -0.49 30.05
N VAL B 219 8.07 -0.63 30.89
CA VAL B 219 8.00 0.19 32.10
C VAL B 219 8.94 -0.38 33.17
N SER B 220 9.34 0.48 34.11
CA SER B 220 10.22 0.05 35.19
C SER B 220 9.69 -1.16 35.98
N ASN B 221 8.38 -1.16 36.25
CA ASN B 221 7.71 -2.27 36.95
C ASN B 221 7.78 -3.59 36.17
N SER B 222 7.59 -3.51 34.85
CA SER B 222 7.68 -4.69 33.96
C SER B 222 9.13 -5.16 33.83
N GLU B 223 10.05 -4.20 33.76
CA GLU B 223 11.48 -4.51 33.71
C GLU B 223 11.95 -5.22 34.97
N ARG B 224 11.41 -4.82 36.12
CA ARG B 224 11.70 -5.48 37.39
C ARG B 224 11.18 -6.91 37.40
N ILE B 225 9.98 -7.11 36.87
CA ILE B 225 9.32 -8.43 36.83
C ILE B 225 9.94 -9.34 35.77
N ALA B 239 15.05 -8.41 20.87
CA ALA B 239 15.57 -9.17 19.75
C ALA B 239 14.63 -9.19 18.53
N PHE B 240 13.34 -8.90 18.73
CA PHE B 240 12.39 -8.81 17.61
C PHE B 240 12.20 -7.38 17.08
N GLY B 241 12.94 -6.42 17.64
CA GLY B 241 12.76 -4.99 17.28
C GLY B 241 11.50 -4.40 17.89
N PRO B 242 11.16 -3.15 17.51
CA PRO B 242 9.92 -2.54 18.03
C PRO B 242 8.65 -3.31 17.58
N LEU B 243 7.67 -3.45 18.48
CA LEU B 243 6.45 -4.19 18.14
C LEU B 243 5.24 -3.34 18.49
N PRO B 244 4.92 -2.37 17.63
CA PRO B 244 3.83 -1.43 17.95
C PRO B 244 2.48 -2.13 18.08
N THR B 245 1.61 -1.52 18.87
CA THR B 245 0.27 -2.03 19.05
C THR B 245 -0.69 -0.86 18.83
N GLN B 246 -2.01 -1.13 18.87
CA GLN B 246 -2.96 -0.03 18.72
C GLN B 246 -2.91 0.90 19.92
N ASP B 247 -3.05 2.20 19.65
CA ASP B 247 -3.09 3.20 20.71
C ASP B 247 -4.48 3.18 21.31
N GLU B 248 -4.54 3.07 22.64
CA GLU B 248 -5.83 2.96 23.33
C GLU B 248 -6.11 4.16 24.22
N SER B 249 -5.42 5.27 23.97
CA SER B 249 -5.56 6.42 24.85
C SER B 249 -6.84 7.20 24.58
N VAL B 250 -7.48 6.95 23.44
CA VAL B 250 -8.73 7.62 23.11
C VAL B 250 -9.77 6.53 22.96
N SER B 251 -10.91 6.69 23.63
CA SER B 251 -11.88 5.60 23.64
C SER B 251 -12.50 5.36 22.24
N ALA B 252 -12.90 4.11 22.02
CA ALA B 252 -13.55 3.73 20.78
C ALA B 252 -14.83 4.53 20.56
N ASP B 253 -15.52 4.87 21.64
CA ASP B 253 -16.74 5.68 21.52
C ASP B 253 -16.46 7.10 21.03
N ASP B 254 -15.39 7.70 21.53
CA ASP B 254 -14.99 9.02 21.05
C ASP B 254 -14.58 8.97 19.58
N VAL B 255 -13.79 7.96 19.21
CA VAL B 255 -13.34 7.82 17.82
C VAL B 255 -14.54 7.57 16.90
N ALA B 256 -15.53 6.81 17.38
CA ALA B 256 -16.74 6.57 16.58
C ALA B 256 -17.52 7.87 16.36
N ARG B 257 -17.57 8.75 17.38
CA ARG B 257 -18.22 10.05 17.21
CA ARG B 257 -18.18 10.08 17.25
C ARG B 257 -17.47 10.89 16.17
N LEU B 258 -16.13 10.91 16.22
CA LEU B 258 -15.34 11.64 15.23
C LEU B 258 -15.57 11.07 13.83
N THR B 259 -15.65 9.75 13.74
CA THR B 259 -15.83 9.09 12.46
C THR B 259 -17.17 9.45 11.82
N ALA B 260 -18.25 9.39 12.62
CA ALA B 260 -19.55 9.74 12.09
C ALA B 260 -19.59 11.23 11.70
N ASP B 261 -18.99 12.09 12.52
CA ASP B 261 -18.88 13.53 12.19
C ASP B 261 -18.11 13.75 10.89
N ALA B 262 -17.01 13.02 10.71
CA ALA B 262 -16.20 13.20 9.51
C ALA B 262 -16.96 12.78 8.27
N ILE B 263 -17.75 11.72 8.38
CA ILE B 263 -18.54 11.28 7.24
C ILE B 263 -19.57 12.35 6.83
N LEU B 264 -20.26 12.91 7.82
CA LEU B 264 -21.23 13.98 7.58
C LEU B 264 -20.58 15.24 7.03
N ALA B 265 -19.33 15.50 7.42
CA ALA B 265 -18.61 16.68 6.91
C ALA B 265 -17.93 16.37 5.56
N ASN B 266 -18.02 15.11 5.14
CA ASN B 266 -17.31 14.60 3.97
C ASN B 266 -15.80 14.89 3.98
N ARG B 267 -15.20 14.68 5.14
CA ARG B 267 -13.73 14.77 5.22
C ARG B 267 -13.09 13.46 4.79
N LEU B 268 -12.07 13.56 3.95
CA LEU B 268 -11.41 12.35 3.47
C LEU B 268 -10.62 11.60 4.55
N TYR B 269 -9.94 12.34 5.43
CA TYR B 269 -9.12 11.70 6.46
C TYR B 269 -9.74 11.82 7.83
N ILE B 270 -9.63 10.76 8.64
CA ILE B 270 -10.07 10.79 10.03
C ILE B 270 -8.87 10.42 10.88
N LEU B 271 -8.38 11.39 11.66
CA LEU B 271 -7.09 11.28 12.30
C LEU B 271 -7.26 11.55 13.79
N PRO B 272 -7.62 10.53 14.56
CA PRO B 272 -8.03 10.81 15.95
C PRO B 272 -6.95 11.29 16.92
N HIS B 273 -5.69 11.03 16.60
CA HIS B 273 -4.61 11.35 17.55
C HIS B 273 -3.72 12.41 17.02
N ALA B 274 -3.65 13.50 17.77
CA ALA B 274 -2.82 14.65 17.38
C ALA B 274 -1.35 14.30 17.14
N ALA B 275 -0.83 13.28 17.84
CA ALA B 275 0.58 12.89 17.66
C ALA B 275 0.93 12.48 16.24
N ALA B 276 -0.07 12.17 15.42
CA ALA B 276 0.22 11.71 14.06
C ALA B 276 0.77 12.82 13.18
N ARG B 277 0.38 14.05 13.47
CA ARG B 277 0.61 15.17 12.58
C ARG B 277 2.09 15.37 12.22
N GLU B 278 2.94 15.33 13.23
CA GLU B 278 4.33 15.61 12.97
C GLU B 278 5.01 14.49 12.17
N SER B 279 4.63 13.23 12.38
CA SER B 279 5.20 12.15 11.60
C SER B 279 4.84 12.26 10.13
N ILE B 280 3.61 12.67 9.87
CA ILE B 280 3.15 12.86 8.49
C ILE B 280 3.93 13.98 7.85
N ARG B 281 4.08 15.09 8.59
CA ARG B 281 4.90 16.20 8.08
C ARG B 281 6.33 15.79 7.74
N ARG B 282 6.94 15.03 8.65
CA ARG B 282 8.32 14.58 8.44
C ARG B 282 8.45 13.72 7.17
N ARG B 283 7.46 12.85 6.92
CA ARG B 283 7.54 12.00 5.73
C ARG B 283 7.46 12.87 4.47
N PHE B 284 6.52 13.80 4.45
CA PHE B 284 6.39 14.61 3.26
C PHE B 284 7.56 15.55 3.06
N GLU B 285 8.21 15.98 4.15
CA GLU B 285 9.40 16.84 4.03
C GLU B 285 10.57 16.04 3.45
N ARG B 286 10.72 14.77 3.84
CA ARG B 286 11.78 13.90 3.32
CA ARG B 286 11.81 13.96 3.32
C ARG B 286 11.57 13.74 1.82
N ILE B 287 10.29 13.53 1.42
CA ILE B 287 10.03 13.38 -0.03
C ILE B 287 10.38 14.70 -0.74
N ASP B 288 9.88 15.81 -0.20
CA ASP B 288 10.05 17.08 -0.85
C ASP B 288 11.52 17.48 -1.02
N ARG B 289 12.32 17.26 0.00
CA ARG B 289 13.74 17.69 -0.02
C ARG B 289 14.53 16.90 -1.04
N THR B 290 14.04 15.70 -1.38
CA THR B 290 14.69 14.86 -2.40
C THR B 290 14.87 15.60 -3.71
N PHE B 291 13.89 16.45 -4.07
CA PHE B 291 13.98 17.19 -5.33
C PHE B 291 15.20 18.12 -5.36
N ASP B 292 15.45 18.76 -4.23
CA ASP B 292 16.58 19.70 -4.13
C ASP B 292 17.89 18.96 -4.07
N GLU B 293 17.91 17.79 -3.41
CA GLU B 293 19.13 16.98 -3.37
C GLU B 293 19.52 16.49 -4.77
N GLN B 294 18.53 16.10 -5.57
CA GLN B 294 18.78 15.68 -6.94
C GLN B 294 19.34 16.81 -7.78
N ALA B 295 18.72 17.99 -7.66
CA ALA B 295 19.12 19.14 -8.42
C ALA B 295 20.56 19.54 -8.07
N ALA B 296 20.91 19.43 -6.78
CA ALA B 296 22.26 19.76 -6.31
C ALA B 296 23.35 18.89 -6.96
N GLU B 297 23.00 17.65 -7.28
CA GLU B 297 23.93 16.73 -7.96
C GLU B 297 23.88 16.82 -9.50
N GLY B 298 22.99 17.64 -10.03
CA GLY B 298 22.99 17.95 -11.46
C GLY B 298 21.79 17.46 -12.27
N TRP B 299 20.78 16.92 -11.58
CA TRP B 299 19.59 16.47 -12.25
C TRP B 299 18.82 17.65 -12.79
N THR B 300 18.32 17.56 -14.03
CA THR B 300 17.73 18.74 -14.71
C THR B 300 16.24 18.60 -15.00
N HIS B 301 15.57 17.55 -14.48
CA HIS B 301 14.17 17.30 -14.82
C HIS B 301 13.25 17.27 -13.66
O2A UNL C . 7.19 -3.13 -20.11
PA UNL C . 8.38 -2.31 -19.76
O1A UNL C . 9.26 -1.72 -20.85
O5B UNL C . 9.43 -3.09 -19.03
C5B UNL C . 9.29 -3.79 -17.79
C4B UNL C . 9.07 -5.28 -17.90
O4B UNL C . 8.86 -6.01 -16.69
C1B UNL C . 8.67 -7.35 -17.11
N9A UNL C . 7.57 -8.01 -16.39
C8A UNL C . 6.25 -7.70 -16.39
N7A UNL C . 5.57 -8.60 -15.63
C5M UNL C . 6.48 -9.48 -15.13
C6A UNL C . 6.40 -10.67 -14.27
N6A UNL C . 5.21 -11.10 -13.79
N1A UNL C . 7.57 -11.28 -13.96
C2A UNL C . 8.76 -10.86 -14.49
N3A UNL C . 8.93 -9.79 -15.32
C4A UNL C . 7.80 -9.09 -15.64
C2B UNL C . 8.31 -7.29 -18.59
O2B UNL C . 8.04 -8.42 -19.41
C3B UNL C . 8.87 -6.05 -19.20
O3B UNL C . 10.14 -6.52 -19.76
O3 UNL C . 7.87 -1.12 -18.81
PN UNL C . 8.53 -0.12 -17.84
O1N UNL C . 8.18 1.27 -18.02
O2N UNL C . 9.95 -0.38 -17.78
O5D UNL C . 8.30 -0.71 -16.41
C5D UNL C . 9.34 -0.89 -15.41
C4D UNL C . 8.71 -0.34 -14.13
O4D UNL C . 8.30 1.02 -14.09
C3D UNL C . 7.39 -1.04 -13.81
O3D UNL C . 7.11 -1.38 -12.46
C2D UNL C . 6.31 -0.02 -14.00
O2D UNL C . 5.04 -0.21 -13.31
C1D UNL C . 6.95 1.25 -13.73
N1N UNL C . 6.62 2.57 -14.18
C2N UNL C . 6.50 2.87 -15.40
C6N UNL C . 6.53 3.53 -13.08
C5N UNL C . 5.90 4.87 -13.50
O5N UNL C . 4.52 4.67 -13.20
C4N UNL C . 5.80 5.16 -14.98
C3N UNL C . 6.15 4.22 -15.87
C7N UNL C . 6.13 4.52 -17.30
O7N UNL C . 5.58 5.53 -17.71
N7N UNL C . 6.73 3.65 -18.12
#